data_4HZ0
#
_entry.id   4HZ0
#
_cell.length_a   52.166
_cell.length_b   50.064
_cell.length_c   85.812
_cell.angle_alpha   90.00
_cell.angle_beta   94.72
_cell.angle_gamma   90.00
#
_symmetry.space_group_name_H-M   'P 1 21 1'
#
loop_
_entity.id
_entity.type
_entity.pdbx_description
1 polymer 'DNA topoisomerase 4 subunit B'
2 non-polymer 7-(1H-imidazol-1-yl)-2-(pyridin-3-yl)[1,3]thiazolo[5,4-d]pyrimidin-5-amine
3 non-polymer 'MAGNESIUM ION'
4 water water
#
_entity_poly.entity_id   1
_entity_poly.type   'polypeptide(L)'
_entity_poly.pdbx_seq_one_letter_code
;VLTGLEPVRRRPGMYTDTTRPNHLGQEVIDNSVDEALAGHAKRVDVILHADQSLEVIDDGRGMPVDIHPEEGVPAVELIL
CRLHAGGKFSNKNYQFSGGLHGVGISVVNALSKRVEVNVRRDGQVYNIAFENGEKVQDLQVVGTCGKRNTGTSVHFWPDE
TFFDSPRFSVSRLTHVLKAKAVLCPGVEITFKDEINNTEQRWCYQLEHHHHHH
;
_entity_poly.pdbx_strand_id   A,B
#
loop_
_chem_comp.id
_chem_comp.type
_chem_comp.name
_chem_comp.formula
1AV non-polymer 7-(1H-imidazol-1-yl)-2-(pyridin-3-yl)[1,3]thiazolo[5,4-d]pyrimidin-5-amine 'C13 H9 N7 S'
MG non-polymer 'MAGNESIUM ION' 'Mg 2'
#
# COMPACT_ATOMS: atom_id res chain seq x y z
N THR A 3 12.77 29.95 -21.38
CA THR A 3 12.90 28.97 -20.25
C THR A 3 14.15 28.11 -20.46
N GLY A 4 14.63 27.49 -19.38
CA GLY A 4 15.78 26.60 -19.43
C GLY A 4 15.59 25.34 -20.27
N LEU A 5 14.36 25.06 -20.70
CA LEU A 5 14.05 23.92 -21.60
C LEU A 5 14.34 24.26 -23.07
N GLU A 6 14.72 25.50 -23.32
CA GLU A 6 14.91 26.04 -24.66
C GLU A 6 15.86 25.20 -25.53
N PRO A 7 17.09 24.87 -25.01
CA PRO A 7 18.05 24.03 -25.75
C PRO A 7 17.50 22.69 -26.25
N VAL A 8 16.69 22.02 -25.41
CA VAL A 8 16.03 20.76 -25.77
C VAL A 8 15.21 20.86 -27.07
N ARG A 9 14.56 22.01 -27.27
CA ARG A 9 13.73 22.27 -28.47
C ARG A 9 14.54 22.69 -29.70
N ARG A 10 15.69 23.32 -29.46
CA ARG A 10 16.64 23.66 -30.52
C ARG A 10 17.29 22.38 -31.03
N ARG A 11 17.64 21.49 -30.11
CA ARG A 11 18.38 20.27 -30.41
C ARG A 11 17.78 19.02 -29.77
N PRO A 12 16.59 18.58 -30.24
CA PRO A 12 15.96 17.47 -29.53
C PRO A 12 16.77 16.18 -29.55
N GLY A 13 17.53 15.95 -30.62
CA GLY A 13 18.30 14.71 -30.79
C GLY A 13 19.40 14.50 -29.77
N MET A 14 19.83 15.59 -29.13
CA MET A 14 20.84 15.57 -28.09
C MET A 14 20.25 15.22 -26.71
N TYR A 15 18.92 15.13 -26.63
CA TYR A 15 18.24 14.80 -25.37
C TYR A 15 17.39 13.53 -25.44
N THR A 16 16.94 13.17 -26.64
CA THR A 16 16.07 12.00 -26.82
C THR A 16 16.30 11.33 -28.19
N ASP A 17 15.69 10.17 -28.38
CA ASP A 17 15.64 9.53 -29.67
C ASP A 17 14.48 10.14 -30.46
N THR A 18 14.79 10.87 -31.53
CA THR A 18 13.77 11.59 -32.32
C THR A 18 13.22 10.77 -33.50
N THR A 19 13.53 9.48 -33.52
CA THR A 19 12.93 8.57 -34.51
C THR A 19 11.40 8.54 -34.34
N ARG A 20 10.98 8.32 -33.09
CA ARG A 20 9.61 8.15 -32.67
C ARG A 20 9.56 8.44 -31.15
N PRO A 21 8.38 8.81 -30.62
CA PRO A 21 8.37 9.33 -29.24
C PRO A 21 8.48 8.32 -28.10
N ASN A 22 8.78 7.06 -28.41
CA ASN A 22 8.89 5.97 -27.42
C ASN A 22 9.74 6.28 -26.17
N HIS A 23 10.94 6.84 -26.37
CA HIS A 23 11.84 7.20 -25.27
C HIS A 23 11.29 8.24 -24.33
N LEU A 24 10.50 9.16 -24.88
CA LEU A 24 9.66 10.05 -24.07
C LEU A 24 8.79 9.22 -23.13
N GLY A 25 8.03 8.29 -23.70
CA GLY A 25 7.26 7.30 -22.94
C GLY A 25 8.07 6.56 -21.88
N GLN A 26 9.28 6.12 -22.24
CA GLN A 26 10.11 5.35 -21.31
C GLN A 26 10.60 6.21 -20.15
N GLU A 27 10.83 7.50 -20.38
CA GLU A 27 11.15 8.39 -19.24
C GLU A 27 10.05 8.47 -18.16
N VAL A 28 8.79 8.56 -18.59
CA VAL A 28 7.68 8.65 -17.67
C VAL A 28 7.51 7.32 -16.94
N ILE A 29 7.51 6.22 -17.71
CA ILE A 29 7.40 4.86 -17.15
C ILE A 29 8.52 4.60 -16.13
N ASP A 30 9.75 5.02 -16.43
CA ASP A 30 10.85 4.84 -15.48
C ASP A 30 10.54 5.42 -14.12
N ASN A 31 9.97 6.64 -14.13
CA ASN A 31 9.58 7.27 -12.88
C ASN A 31 8.56 6.46 -12.10
N SER A 32 7.52 5.96 -12.79
CA SER A 32 6.45 5.19 -12.12
C SER A 32 7.05 3.88 -11.61
N VAL A 33 7.91 3.26 -12.42
CA VAL A 33 8.58 2.03 -11.95
C VAL A 33 9.54 2.28 -10.77
N ASP A 34 10.18 3.46 -10.71
CA ASP A 34 10.98 3.80 -9.51
C ASP A 34 10.18 3.79 -8.22
N GLU A 35 8.94 4.32 -8.26
CA GLU A 35 8.00 4.22 -7.14
C GLU A 35 7.73 2.78 -6.74
N ALA A 36 7.58 1.90 -7.74
CA ALA A 36 7.34 0.49 -7.45
C ALA A 36 8.54 -0.14 -6.81
N LEU A 37 9.72 0.26 -7.27
CA LEU A 37 10.98 -0.30 -6.77
C LEU A 37 11.21 0.03 -5.31
N ALA A 38 10.88 1.26 -4.91
CA ALA A 38 10.95 1.69 -3.50
C ALA A 38 9.82 1.11 -2.60
N GLY A 39 8.88 0.40 -3.22
CA GLY A 39 7.83 -0.27 -2.47
C GLY A 39 6.59 0.59 -2.22
N HIS A 40 6.31 1.55 -3.11
CA HIS A 40 5.14 2.42 -2.94
C HIS A 40 4.01 2.21 -3.94
N ALA A 41 4.32 1.94 -5.20
CA ALA A 41 3.26 1.59 -6.14
C ALA A 41 3.19 0.06 -6.33
N LYS A 42 1.97 -0.45 -6.49
CA LYS A 42 1.73 -1.84 -6.80
C LYS A 42 1.32 -2.06 -8.28
N ARG A 43 0.85 -1.00 -8.94
CA ARG A 43 0.35 -1.08 -10.31
C ARG A 43 0.70 0.12 -11.15
N VAL A 44 1.16 -0.13 -12.38
CA VAL A 44 1.45 0.91 -13.37
C VAL A 44 0.60 0.67 -14.63
N ASP A 45 -0.31 1.60 -14.90
CA ASP A 45 -1.17 1.49 -16.07
C ASP A 45 -0.71 2.42 -17.18
N VAL A 46 -0.48 1.88 -18.38
CA VAL A 46 -0.05 2.69 -19.54
C VAL A 46 -1.13 2.70 -20.59
N ILE A 47 -1.32 3.83 -21.26
CA ILE A 47 -2.42 3.94 -22.20
C ILE A 47 -1.94 4.69 -23.44
N LEU A 48 -2.00 4.00 -24.57
CA LEU A 48 -1.83 4.69 -25.84
C LEU A 48 -3.22 5.16 -26.29
N HIS A 49 -3.42 6.48 -26.30
CA HIS A 49 -4.70 7.02 -26.70
C HIS A 49 -4.77 7.11 -28.22
N ALA A 50 -5.98 7.36 -28.71
CA ALA A 50 -6.29 7.29 -30.10
C ALA A 50 -5.69 8.45 -30.91
N ASP A 51 -5.36 9.54 -30.22
CA ASP A 51 -4.68 10.71 -30.82
C ASP A 51 -3.14 10.60 -30.76
N GLN A 52 -2.66 9.39 -30.48
CA GLN A 52 -1.22 9.10 -30.31
C GLN A 52 -0.58 9.84 -29.10
N SER A 53 -1.38 10.21 -28.10
CA SER A 53 -0.81 10.69 -26.86
C SER A 53 -0.57 9.49 -25.97
N LEU A 54 0.34 9.63 -25.01
CA LEU A 54 0.56 8.56 -24.07
C LEU A 54 0.20 8.99 -22.64
N GLU A 55 -0.44 8.08 -21.90
CA GLU A 55 -0.73 8.33 -20.48
C GLU A 55 -0.15 7.19 -19.62
N VAL A 56 0.51 7.57 -18.53
CA VAL A 56 1.17 6.64 -17.61
C VAL A 56 0.68 6.91 -16.19
N ILE A 57 0.03 5.94 -15.57
CA ILE A 57 -0.61 6.14 -14.26
C ILE A 57 -0.01 5.14 -13.32
N ASP A 58 0.32 5.57 -12.10
CA ASP A 58 0.78 4.66 -11.07
C ASP A 58 0.03 4.94 -9.78
N ASP A 59 -0.04 3.97 -8.89
CA ASP A 59 -0.66 4.22 -7.59
C ASP A 59 0.40 4.42 -6.50
N GLY A 60 1.46 5.17 -6.82
CA GLY A 60 2.50 5.52 -5.82
C GLY A 60 2.09 6.62 -4.83
N ARG A 61 3.08 7.33 -4.30
CA ARG A 61 2.82 8.34 -3.25
C ARG A 61 2.22 9.63 -3.84
N GLY A 62 2.44 9.83 -5.13
CA GLY A 62 2.12 11.11 -5.75
C GLY A 62 3.42 11.87 -5.86
N MET A 63 3.62 12.49 -7.02
CA MET A 63 4.72 13.42 -7.20
C MET A 63 4.54 14.46 -6.13
N PRO A 64 5.66 14.96 -5.56
CA PRO A 64 5.53 15.90 -4.43
C PRO A 64 4.94 17.23 -4.86
N VAL A 65 4.01 17.75 -4.06
CA VAL A 65 3.35 19.04 -4.39
C VAL A 65 3.69 20.16 -3.40
N ASP A 66 4.59 19.92 -2.46
CA ASP A 66 4.97 20.99 -1.50
C ASP A 66 5.66 22.17 -2.18
N ILE A 67 5.47 23.35 -1.60
CA ILE A 67 6.10 24.57 -2.05
C ILE A 67 7.54 24.62 -1.56
N HIS A 68 8.50 24.71 -2.48
CA HIS A 68 9.89 24.98 -2.10
C HIS A 68 9.99 26.44 -1.72
N PRO A 69 10.53 26.77 -0.52
CA PRO A 69 10.47 28.20 -0.13
C PRO A 69 11.28 29.19 -0.96
N GLU A 70 12.45 28.80 -1.42
CA GLU A 70 13.34 29.69 -2.17
C GLU A 70 12.82 30.03 -3.57
N GLU A 71 12.00 29.16 -4.15
CA GLU A 71 11.40 29.55 -5.44
C GLU A 71 9.92 29.83 -5.31
N GLY A 72 9.31 29.39 -4.22
CA GLY A 72 7.89 29.63 -3.96
C GLY A 72 6.98 28.97 -5.01
N VAL A 73 7.37 27.78 -5.46
CA VAL A 73 6.57 26.99 -6.43
C VAL A 73 6.56 25.53 -6.02
N PRO A 74 5.49 24.80 -6.40
CA PRO A 74 5.35 23.41 -5.97
C PRO A 74 6.42 22.53 -6.62
N ALA A 75 6.91 21.56 -5.86
CA ALA A 75 7.89 20.60 -6.35
C ALA A 75 7.60 20.09 -7.78
N VAL A 76 6.37 19.58 -8.01
CA VAL A 76 6.00 18.94 -9.28
C VAL A 76 6.36 19.84 -10.48
N GLU A 77 6.19 21.14 -10.30
CA GLU A 77 6.58 22.14 -11.30
C GLU A 77 8.10 22.21 -11.50
N LEU A 78 8.86 22.14 -10.40
CA LEU A 78 10.32 22.19 -10.47
C LEU A 78 10.84 21.02 -11.28
N ILE A 79 10.31 19.86 -10.96
CA ILE A 79 10.58 18.60 -11.64
C ILE A 79 10.34 18.65 -13.16
N LEU A 80 9.20 19.20 -13.55
CA LEU A 80 8.73 19.26 -14.93
C LEU A 80 9.45 20.32 -15.74
N CYS A 81 9.97 21.33 -15.07
CA CYS A 81 10.65 22.45 -15.73
C CYS A 81 12.16 22.42 -15.68
N ARG A 82 12.73 21.76 -14.67
CA ARG A 82 14.19 21.68 -14.56
C ARG A 82 14.86 20.62 -15.45
N LEU A 83 15.65 21.10 -16.40
CA LEU A 83 16.50 20.25 -17.23
C LEU A 83 17.67 19.69 -16.42
N HIS A 84 17.81 18.37 -16.35
CA HIS A 84 18.99 17.76 -15.68
C HIS A 84 20.15 17.58 -16.65
N ALA A 85 21.37 17.92 -16.23
CA ALA A 85 22.52 17.73 -17.10
C ALA A 85 23.03 16.27 -17.08
N GLY A 86 23.68 15.84 -18.16
CA GLY A 86 24.30 14.50 -18.21
C GLY A 86 23.42 13.27 -18.22
N GLY A 87 22.21 13.39 -18.77
CA GLY A 87 21.32 12.24 -18.92
C GLY A 87 21.50 11.51 -20.24
N LYS A 88 22.31 12.10 -21.11
CA LYS A 88 22.49 11.68 -22.50
C LYS A 88 23.69 12.46 -22.98
N PHE A 89 24.73 11.79 -23.48
CA PHE A 89 25.89 12.53 -24.01
C PHE A 89 26.64 11.84 -25.15
N SER A 90 27.51 12.59 -25.82
CA SER A 90 27.98 12.15 -27.12
C SER A 90 29.33 12.73 -27.51
N ASN A 91 30.12 11.92 -28.22
CA ASN A 91 31.21 12.40 -29.03
C ASN A 91 31.21 11.67 -30.36
N LYS A 92 32.21 11.93 -31.19
CA LYS A 92 32.17 11.33 -32.51
C LYS A 92 32.56 9.82 -32.54
N ASN A 93 32.87 9.26 -31.37
CA ASN A 93 33.11 7.82 -31.23
C ASN A 93 32.09 7.12 -30.36
N TYR A 94 31.48 7.85 -29.43
CA TYR A 94 30.78 7.25 -28.29
C TYR A 94 29.51 8.06 -27.89
N GLN A 95 28.40 7.37 -27.68
CA GLN A 95 27.19 7.99 -27.13
C GLN A 95 26.68 7.19 -25.94
N PHE A 96 26.24 7.89 -24.89
CA PHE A 96 25.58 7.29 -23.72
C PHE A 96 24.19 7.89 -23.43
N SER A 97 23.28 7.09 -22.88
CA SER A 97 22.02 7.53 -22.23
C SER A 97 21.47 6.35 -21.44
N GLY A 98 20.68 6.50 -20.38
CA GLY A 98 20.48 7.71 -19.63
C GLY A 98 21.01 7.45 -18.23
N GLY A 99 20.56 6.35 -17.61
CA GLY A 99 21.01 5.99 -16.26
C GLY A 99 20.02 6.30 -15.16
N LEU A 100 20.52 6.49 -13.93
CA LEU A 100 19.69 6.72 -12.73
C LEU A 100 18.66 7.87 -12.84
N VAL A 103 17.92 11.92 -19.11
CA VAL A 103 16.91 11.62 -18.11
C VAL A 103 16.01 12.84 -17.85
N GLY A 104 14.89 12.60 -17.17
CA GLY A 104 14.00 13.66 -16.76
C GLY A 104 12.69 13.74 -17.52
N ILE A 105 11.60 13.80 -16.76
CA ILE A 105 10.31 14.12 -17.35
C ILE A 105 10.34 15.54 -17.96
N SER A 106 11.32 16.38 -17.62
CA SER A 106 11.37 17.73 -18.20
C SER A 106 11.61 17.72 -19.73
N VAL A 107 12.34 16.74 -20.25
CA VAL A 107 12.47 16.61 -21.72
C VAL A 107 11.13 16.24 -22.38
N VAL A 108 10.36 15.37 -21.74
CA VAL A 108 8.98 15.07 -22.17
C VAL A 108 8.20 16.36 -22.28
N ASN A 109 8.22 17.18 -21.22
CA ASN A 109 7.63 18.53 -21.25
C ASN A 109 8.10 19.39 -22.42
N ALA A 110 9.42 19.60 -22.53
CA ALA A 110 10.00 20.41 -23.63
C ALA A 110 9.50 20.01 -25.01
N LEU A 111 9.30 18.72 -25.23
CA LEU A 111 8.96 18.19 -26.58
C LEU A 111 7.48 17.80 -26.77
N SER A 112 6.60 18.36 -25.93
CA SER A 112 5.17 18.06 -25.94
C SER A 112 4.31 19.28 -26.20
N LYS A 113 3.37 19.19 -27.14
CA LYS A 113 2.43 20.28 -27.32
C LYS A 113 1.57 20.47 -26.08
N ARG A 114 1.27 19.38 -25.37
CA ARG A 114 0.62 19.43 -24.07
C ARG A 114 1.15 18.35 -23.11
N VAL A 115 1.24 18.72 -21.83
CA VAL A 115 1.37 17.75 -20.76
C VAL A 115 0.36 18.13 -19.69
N GLU A 116 -0.29 17.10 -19.15
CA GLU A 116 -1.15 17.24 -17.98
C GLU A 116 -0.66 16.30 -16.89
N VAL A 117 -0.43 16.82 -15.68
CA VAL A 117 -0.08 15.99 -14.54
C VAL A 117 -1.18 16.03 -13.50
N ASN A 118 -1.60 14.86 -13.05
CA ASN A 118 -2.57 14.75 -11.98
C ASN A 118 -1.96 13.94 -10.86
N VAL A 119 -2.11 14.43 -9.64
CA VAL A 119 -1.50 13.82 -8.47
C VAL A 119 -2.58 13.64 -7.44
N ARG A 120 -2.77 12.40 -6.98
CA ARG A 120 -3.69 12.11 -5.89
C ARG A 120 -2.89 12.02 -4.56
N ARG A 121 -3.09 12.99 -3.68
CA ARG A 121 -2.42 13.08 -2.37
C ARG A 121 -3.39 13.59 -1.28
N ASP A 122 -3.46 12.86 -0.16
CA ASP A 122 -4.22 13.28 1.01
C ASP A 122 -5.69 13.54 0.78
N GLY A 123 -6.29 12.80 -0.15
CA GLY A 123 -7.69 12.93 -0.45
C GLY A 123 -8.01 14.06 -1.41
N GLN A 124 -6.97 14.73 -1.92
CA GLN A 124 -7.12 15.80 -2.94
C GLN A 124 -6.61 15.38 -4.34
N VAL A 125 -7.29 15.84 -5.39
CA VAL A 125 -6.81 15.64 -6.77
C VAL A 125 -6.24 16.97 -7.31
N TYR A 126 -4.90 16.99 -7.48
CA TYR A 126 -4.18 18.17 -7.97
C TYR A 126 -3.98 18.08 -9.46
N ASN A 127 -3.97 19.23 -10.12
CA ASN A 127 -3.77 19.30 -11.55
C ASN A 127 -2.81 20.42 -11.96
N ILE A 128 -1.85 20.10 -12.84
CA ILE A 128 -0.97 21.10 -13.44
C ILE A 128 -0.83 20.83 -14.96
N ALA A 129 -0.82 21.88 -15.78
CA ALA A 129 -0.71 21.70 -17.23
C ALA A 129 0.38 22.52 -17.90
N PHE A 130 0.88 21.98 -19.00
CA PHE A 130 1.96 22.57 -19.77
C PHE A 130 1.65 22.46 -21.24
N GLU A 131 2.17 23.42 -21.99
CA GLU A 131 2.03 23.43 -23.45
C GLU A 131 3.30 23.98 -24.04
N ASN A 132 3.85 23.27 -25.03
CA ASN A 132 5.12 23.66 -25.67
C ASN A 132 6.22 24.02 -24.66
N GLY A 133 6.31 23.27 -23.56
CA GLY A 133 7.32 23.52 -22.54
C GLY A 133 6.99 24.63 -21.56
N GLU A 134 5.86 25.30 -21.76
CA GLU A 134 5.52 26.46 -20.94
C GLU A 134 4.28 26.16 -20.07
N LYS A 135 4.28 26.62 -18.82
CA LYS A 135 3.14 26.35 -17.94
C LYS A 135 1.91 27.13 -18.39
N VAL A 136 0.82 26.42 -18.63
CA VAL A 136 -0.43 27.07 -19.00
C VAL A 136 -1.44 27.01 -17.84
N GLN A 137 -1.13 26.20 -16.83
CA GLN A 137 -2.09 25.95 -15.77
C GLN A 137 -1.40 25.64 -14.44
N ASP A 138 -1.63 26.53 -13.47
CA ASP A 138 -1.08 26.41 -12.13
C ASP A 138 -1.66 25.20 -11.35
N LEU A 139 -0.80 24.54 -10.58
CA LEU A 139 -1.26 23.46 -9.72
C LEU A 139 -2.52 23.89 -9.00
N GLN A 140 -3.56 23.07 -9.14
CA GLN A 140 -4.82 23.35 -8.46
C GLN A 140 -5.58 22.10 -8.14
N VAL A 141 -6.40 22.19 -7.10
CA VAL A 141 -7.30 21.13 -6.68
C VAL A 141 -8.58 21.11 -7.51
N VAL A 142 -8.74 20.05 -8.32
CA VAL A 142 -9.83 19.93 -9.28
C VAL A 142 -10.81 18.82 -8.90
N GLY A 143 -10.59 18.21 -7.74
CA GLY A 143 -11.47 17.14 -7.29
C GLY A 143 -11.01 16.56 -5.96
N THR A 144 -11.78 15.60 -5.43
CA THR A 144 -11.40 14.87 -4.23
C THR A 144 -11.47 13.35 -4.44
N CYS A 145 -10.79 12.60 -3.56
CA CYS A 145 -10.78 11.14 -3.61
C CYS A 145 -10.58 10.60 -2.19
N GLY A 146 -10.62 9.27 -2.05
CA GLY A 146 -10.31 8.64 -0.78
C GLY A 146 -8.86 8.90 -0.40
N LYS A 147 -8.62 8.94 0.91
CA LYS A 147 -7.32 9.23 1.47
C LYS A 147 -6.28 8.15 1.14
N ARG A 148 -6.79 6.95 0.83
CA ARG A 148 -5.96 5.81 0.49
C ARG A 148 -5.55 5.89 -0.97
N ASN A 149 -6.38 6.53 -1.79
CA ASN A 149 -6.18 6.63 -3.23
C ASN A 149 -5.17 7.74 -3.61
N THR A 150 -3.92 7.34 -3.80
CA THR A 150 -2.81 8.24 -4.05
C THR A 150 -2.03 7.73 -5.27
N GLY A 151 -1.38 8.65 -5.99
CA GLY A 151 -0.46 8.27 -7.06
C GLY A 151 -0.46 9.37 -8.07
N THR A 152 0.02 9.06 -9.28
CA THR A 152 0.31 10.08 -10.29
C THR A 152 -0.19 9.63 -11.65
N SER A 153 -0.79 10.55 -12.41
CA SER A 153 -1.04 10.33 -13.82
C SER A 153 -0.28 11.37 -14.63
N VAL A 154 0.51 10.93 -15.59
CA VAL A 154 1.13 11.86 -16.53
C VAL A 154 0.55 11.55 -17.89
N HIS A 155 -0.03 12.58 -18.53
CA HIS A 155 -0.58 12.49 -19.88
C HIS A 155 0.06 13.53 -20.79
N PHE A 156 0.67 13.06 -21.88
CA PHE A 156 1.42 13.98 -22.73
C PHE A 156 1.20 13.73 -24.21
N TRP A 157 1.17 14.82 -24.96
CA TRP A 157 0.96 14.80 -26.41
C TRP A 157 2.25 15.17 -27.10
N PRO A 158 3.00 14.19 -27.65
CA PRO A 158 4.27 14.55 -28.33
C PRO A 158 4.08 15.57 -29.47
N ASP A 159 4.98 16.54 -29.57
CA ASP A 159 4.91 17.47 -30.70
C ASP A 159 5.55 16.76 -31.89
N GLU A 160 4.76 16.52 -32.92
CA GLU A 160 5.20 15.73 -34.08
C GLU A 160 6.37 16.34 -34.85
N THR A 161 6.51 17.67 -34.83
CA THR A 161 7.59 18.30 -35.59
C THR A 161 8.99 17.94 -35.08
N PHE A 162 9.08 17.30 -33.91
CA PHE A 162 10.38 16.92 -33.32
C PHE A 162 10.81 15.51 -33.67
N PHE A 163 9.91 14.74 -34.29
CA PHE A 163 10.14 13.31 -34.51
C PHE A 163 10.01 12.95 -35.99
N ASP A 164 10.75 11.92 -36.42
CA ASP A 164 10.61 11.38 -37.78
C ASP A 164 9.19 10.90 -38.02
N SER A 165 8.63 10.23 -37.00
CA SER A 165 7.22 9.83 -36.96
C SER A 165 6.66 10.14 -35.55
N PRO A 166 5.42 10.66 -35.47
CA PRO A 166 4.73 10.82 -34.19
C PRO A 166 4.16 9.50 -33.60
N ARG A 167 4.23 8.41 -34.36
CA ARG A 167 3.63 7.15 -33.93
C ARG A 167 4.50 6.36 -32.94
N PHE A 168 3.88 5.99 -31.81
CA PHE A 168 4.50 5.07 -30.88
C PHE A 168 4.69 3.70 -31.56
N SER A 169 5.85 3.08 -31.35
CA SER A 169 6.08 1.71 -31.78
C SER A 169 5.51 0.79 -30.73
N VAL A 170 4.46 0.04 -31.08
CA VAL A 170 3.74 -0.80 -30.13
C VAL A 170 4.61 -1.92 -29.55
N SER A 171 5.35 -2.63 -30.41
CA SER A 171 6.20 -3.72 -29.99
C SER A 171 7.37 -3.27 -29.10
N ARG A 172 7.99 -2.11 -29.38
CA ARG A 172 9.03 -1.54 -28.49
C ARG A 172 8.44 -1.14 -27.12
N LEU A 173 7.27 -0.51 -27.14
CA LEU A 173 6.53 -0.17 -25.93
C LEU A 173 6.22 -1.41 -25.05
N THR A 174 5.50 -2.38 -25.62
CA THR A 174 5.19 -3.63 -24.92
C THR A 174 6.41 -4.40 -24.36
N HIS A 175 7.50 -4.52 -25.12
CA HIS A 175 8.71 -5.13 -24.52
C HIS A 175 9.27 -4.39 -23.30
N VAL A 176 9.35 -3.06 -23.37
CA VAL A 176 9.71 -2.23 -22.22
C VAL A 176 8.86 -2.54 -20.98
N LEU A 177 7.53 -2.59 -21.15
CA LEU A 177 6.61 -2.84 -20.05
C LEU A 177 6.74 -4.24 -19.51
N LYS A 178 6.95 -5.20 -20.39
CA LYS A 178 7.28 -6.56 -19.96
C LYS A 178 8.57 -6.55 -19.15
N ALA A 179 9.63 -5.94 -19.72
CA ALA A 179 10.91 -5.84 -19.01
C ALA A 179 10.75 -5.22 -17.60
N LYS A 180 9.95 -4.15 -17.49
CA LYS A 180 9.72 -3.53 -16.17
C LYS A 180 9.00 -4.44 -15.14
N ALA A 181 8.05 -5.26 -15.60
CA ALA A 181 7.36 -6.22 -14.73
C ALA A 181 8.31 -7.33 -14.24
N VAL A 182 9.19 -7.79 -15.13
CA VAL A 182 10.27 -8.70 -14.75
C VAL A 182 11.22 -8.08 -13.70
N LEU A 183 11.68 -6.84 -13.93
CA LEU A 183 12.52 -6.15 -12.95
C LEU A 183 11.88 -5.92 -11.57
N CYS A 184 10.56 -5.84 -11.51
CA CYS A 184 9.92 -5.52 -10.23
C CYS A 184 8.85 -6.56 -9.89
N PRO A 185 9.29 -7.75 -9.44
CA PRO A 185 8.35 -8.86 -9.25
C PRO A 185 7.21 -8.46 -8.31
N GLY A 186 5.99 -8.75 -8.73
CA GLY A 186 4.83 -8.44 -7.92
C GLY A 186 4.10 -7.19 -8.38
N VAL A 187 4.79 -6.27 -9.05
CA VAL A 187 4.12 -5.10 -9.62
C VAL A 187 3.27 -5.52 -10.81
N GLU A 188 2.10 -4.93 -10.94
CA GLU A 188 1.25 -5.21 -12.08
C GLU A 188 1.37 -4.07 -13.09
N ILE A 189 1.72 -4.40 -14.33
CA ILE A 189 1.91 -3.41 -15.40
C ILE A 189 0.85 -3.66 -16.46
N THR A 190 0.08 -2.64 -16.82
CA THR A 190 -0.91 -2.82 -17.88
C THR A 190 -0.69 -1.87 -19.05
N PHE A 191 -1.14 -2.27 -20.23
CA PHE A 191 -1.01 -1.48 -21.42
C PHE A 191 -2.34 -1.54 -22.15
N LYS A 192 -2.84 -0.37 -22.53
CA LYS A 192 -4.11 -0.32 -23.19
C LYS A 192 -3.84 0.46 -24.46
N ASP A 193 -4.11 -0.20 -25.58
CA ASP A 193 -3.88 0.36 -26.91
C ASP A 193 -5.25 0.79 -27.46
N GLU A 194 -5.57 2.07 -27.39
CA GLU A 194 -6.88 2.52 -27.89
C GLU A 194 -6.85 2.56 -29.41
N ILE A 195 -5.67 2.38 -29.98
CA ILE A 195 -5.53 2.39 -31.43
C ILE A 195 -5.80 1.01 -32.06
N ASN A 196 -5.15 0.00 -31.52
CA ASN A 196 -5.23 -1.35 -32.08
C ASN A 196 -6.24 -2.16 -31.28
N ASN A 197 -6.85 -1.48 -30.31
CA ASN A 197 -7.95 -2.03 -29.55
C ASN A 197 -7.56 -3.30 -28.81
N THR A 198 -6.51 -3.21 -28.00
CA THR A 198 -6.04 -4.36 -27.25
C THR A 198 -5.81 -3.96 -25.81
N GLU A 199 -5.76 -4.95 -24.94
CA GLU A 199 -5.49 -4.77 -23.52
C GLU A 199 -4.48 -5.83 -23.09
N GLN A 200 -3.48 -5.40 -22.33
CA GLN A 200 -2.41 -6.30 -21.91
C GLN A 200 -2.00 -6.15 -20.45
N ARG A 201 -1.64 -7.26 -19.82
CA ARG A 201 -1.22 -7.24 -18.42
C ARG A 201 -0.08 -8.22 -18.09
N TRP A 202 0.90 -7.71 -17.35
CA TRP A 202 2.10 -8.47 -17.00
C TRP A 202 2.30 -8.41 -15.53
N CYS A 203 2.51 -9.57 -14.92
CA CYS A 203 2.86 -9.68 -13.51
C CYS A 203 3.71 -10.92 -13.32
N TYR A 204 4.86 -10.78 -12.65
CA TYR A 204 5.79 -11.91 -12.43
C TYR A 204 6.07 -12.20 -10.94
N GLN A 205 5.52 -13.30 -10.44
CA GLN A 205 5.87 -13.87 -9.13
C GLN A 205 7.18 -14.64 -9.23
N THR B 3 -9.68 -15.98 -1.04
CA THR B 3 -9.73 -17.28 -0.30
C THR B 3 -11.04 -17.34 0.48
N GLY B 4 -11.85 -16.30 0.30
CA GLY B 4 -13.01 -16.08 1.16
C GLY B 4 -12.77 -14.83 1.98
N LEU B 5 -11.49 -14.46 2.10
CA LEU B 5 -11.03 -13.20 2.72
C LEU B 5 -10.78 -12.11 1.68
N GLU B 6 -10.73 -12.50 0.41
CA GLU B 6 -10.50 -11.56 -0.71
C GLU B 6 -11.52 -10.42 -0.76
N PRO B 7 -12.83 -10.71 -0.53
CA PRO B 7 -13.82 -9.62 -0.41
C PRO B 7 -13.53 -8.59 0.70
N VAL B 8 -12.86 -9.01 1.78
CA VAL B 8 -12.45 -8.11 2.87
C VAL B 8 -11.36 -7.19 2.41
N ARG B 9 -10.40 -7.76 1.69
CA ARG B 9 -9.27 -7.05 1.13
C ARG B 9 -9.66 -6.03 0.06
N ARG B 10 -10.69 -6.35 -0.71
CA ARG B 10 -11.14 -5.48 -1.80
C ARG B 10 -11.90 -4.29 -1.22
N ARG B 11 -12.68 -4.55 -0.17
CA ARG B 11 -13.55 -3.55 0.45
C ARG B 11 -13.39 -3.53 1.98
N PRO B 12 -12.19 -3.15 2.49
CA PRO B 12 -11.94 -3.28 3.94
C PRO B 12 -12.89 -2.46 4.81
N GLY B 13 -13.44 -1.38 4.27
CA GLY B 13 -14.34 -0.48 5.02
C GLY B 13 -15.67 -1.11 5.37
N MET B 14 -16.03 -2.20 4.70
CA MET B 14 -17.24 -2.93 5.01
C MET B 14 -17.02 -3.92 6.16
N TYR B 15 -15.79 -4.01 6.69
CA TYR B 15 -15.48 -4.95 7.79
C TYR B 15 -14.77 -4.33 8.99
N THR B 16 -14.15 -3.16 8.82
CA THR B 16 -13.45 -2.49 9.92
C THR B 16 -13.43 -0.97 9.78
N ASP B 17 -12.81 -0.28 10.72
CA ASP B 17 -12.55 1.15 10.60
C ASP B 17 -11.19 1.35 9.89
N THR B 18 -11.22 1.96 8.71
CA THR B 18 -10.02 2.09 7.87
C THR B 18 -9.32 3.43 8.10
N THR B 19 -9.74 4.18 9.14
CA THR B 19 -9.06 5.41 9.57
C THR B 19 -7.63 5.06 9.99
N ARG B 20 -7.54 3.95 10.72
CA ARG B 20 -6.37 3.49 11.46
C ARG B 20 -6.68 2.08 12.01
N PRO B 21 -5.64 1.32 12.38
CA PRO B 21 -5.82 -0.10 12.66
C PRO B 21 -6.30 -0.44 14.06
N ASN B 22 -6.68 0.56 14.84
CA ASN B 22 -7.23 0.33 16.21
C ASN B 22 -8.31 -0.77 16.30
N HIS B 23 -9.27 -0.78 15.37
CA HIS B 23 -10.36 -1.79 15.44
C HIS B 23 -9.94 -3.22 15.22
N LEU B 24 -8.90 -3.42 14.41
CA LEU B 24 -8.21 -4.72 14.32
C LEU B 24 -7.73 -5.18 15.70
N GLY B 25 -7.03 -4.28 16.39
CA GLY B 25 -6.54 -4.53 17.74
C GLY B 25 -7.61 -4.84 18.76
N GLN B 26 -8.72 -4.08 18.71
CA GLN B 26 -9.90 -4.37 19.54
C GLN B 26 -10.40 -5.82 19.35
N GLU B 27 -10.58 -6.20 18.10
CA GLU B 27 -10.91 -7.57 17.72
C GLU B 27 -10.08 -8.61 18.52
N VAL B 28 -8.77 -8.46 18.51
CA VAL B 28 -7.89 -9.43 19.17
C VAL B 28 -8.03 -9.33 20.68
N ILE B 29 -8.03 -8.10 21.19
CA ILE B 29 -8.24 -7.78 22.60
C ILE B 29 -9.53 -8.43 23.12
N ASP B 30 -10.63 -8.24 22.39
CA ASP B 30 -11.93 -8.82 22.73
C ASP B 30 -11.86 -10.30 22.95
N ASN B 31 -11.17 -10.99 22.05
CA ASN B 31 -11.02 -12.43 22.15
C ASN B 31 -10.34 -12.83 23.45
N SER B 32 -9.27 -12.11 23.84
CA SER B 32 -8.53 -12.38 25.07
C SER B 32 -9.39 -12.07 26.31
N VAL B 33 -10.04 -10.91 26.31
CA VAL B 33 -10.91 -10.55 27.43
C VAL B 33 -12.08 -11.52 27.57
N ASP B 34 -12.54 -12.09 26.47
CA ASP B 34 -13.53 -13.19 26.54
C ASP B 34 -13.03 -14.43 27.29
N GLU B 35 -11.77 -14.80 27.08
CA GLU B 35 -11.13 -15.80 27.97
C GLU B 35 -11.21 -15.34 29.43
N ALA B 36 -10.91 -14.06 29.68
CA ALA B 36 -11.00 -13.50 31.04
C ALA B 36 -12.42 -13.53 31.63
N LEU B 37 -13.43 -13.11 30.86
CA LEU B 37 -14.82 -13.14 31.33
C LEU B 37 -15.31 -14.56 31.63
N ALA B 38 -14.77 -15.58 30.94
CA ALA B 38 -15.13 -16.97 31.24
C ALA B 38 -14.33 -17.55 32.43
N GLY B 39 -13.52 -16.71 33.06
CA GLY B 39 -12.74 -17.12 34.23
C GLY B 39 -11.54 -17.98 33.91
N HIS B 40 -11.00 -17.88 32.70
CA HIS B 40 -9.85 -18.68 32.32
C HIS B 40 -8.57 -17.92 32.30
N ALA B 41 -8.61 -16.65 31.89
CA ALA B 41 -7.39 -15.85 31.87
C ALA B 41 -7.37 -14.80 32.98
N LYS B 42 -6.21 -14.65 33.65
CA LYS B 42 -5.94 -13.59 34.64
C LYS B 42 -5.19 -12.36 34.09
N ARG B 43 -4.44 -12.53 33.00
CA ARG B 43 -3.58 -11.46 32.49
C ARG B 43 -3.79 -11.25 30.98
N VAL B 44 -3.93 -10.00 30.56
CA VAL B 44 -3.94 -9.68 29.12
C VAL B 44 -2.87 -8.62 28.93
N ASP B 45 -1.87 -8.97 28.13
CA ASP B 45 -0.73 -8.09 27.87
C ASP B 45 -0.76 -7.59 26.43
N VAL B 46 -0.70 -6.27 26.25
CA VAL B 46 -0.74 -5.67 24.91
C VAL B 46 0.58 -4.92 24.65
N ILE B 47 1.16 -5.18 23.50
CA ILE B 47 2.39 -4.54 23.11
C ILE B 47 2.22 -3.80 21.80
N LEU B 48 2.41 -2.48 21.82
CA LEU B 48 2.61 -1.74 20.56
C LEU B 48 4.12 -1.77 20.24
N HIS B 49 4.49 -2.53 19.21
CA HIS B 49 5.87 -2.68 18.85
C HIS B 49 6.33 -1.49 18.02
N ALA B 50 7.66 -1.30 17.97
CA ALA B 50 8.31 -0.17 17.33
C ALA B 50 8.02 -0.05 15.82
N ASP B 51 7.74 -1.19 15.18
CA ASP B 51 7.41 -1.26 13.75
C ASP B 51 5.92 -1.06 13.50
N GLN B 52 5.21 -0.56 14.53
CA GLN B 52 3.73 -0.36 14.47
C GLN B 52 2.89 -1.65 14.36
N SER B 53 3.49 -2.80 14.61
CA SER B 53 2.70 -4.03 14.76
C SER B 53 2.11 -4.05 16.15
N LEU B 54 1.07 -4.86 16.36
CA LEU B 54 0.50 -5.03 17.68
C LEU B 54 0.53 -6.51 18.10
N GLU B 55 0.78 -6.74 19.38
CA GLU B 55 0.78 -8.07 19.93
C GLU B 55 -0.13 -8.12 21.19
N VAL B 56 -1.07 -9.07 21.19
CA VAL B 56 -1.99 -9.26 22.31
C VAL B 56 -1.72 -10.66 22.88
N ILE B 57 -1.43 -10.69 24.17
CA ILE B 57 -1.04 -11.95 24.85
C ILE B 57 -1.96 -12.14 26.03
N ASP B 58 -2.46 -13.37 26.20
CA ASP B 58 -3.30 -13.70 27.35
C ASP B 58 -2.88 -15.04 27.91
N ASP B 59 -3.04 -15.24 29.22
CA ASP B 59 -2.73 -16.53 29.87
C ASP B 59 -3.94 -17.48 29.97
N GLY B 60 -4.84 -17.41 28.99
CA GLY B 60 -6.03 -18.29 28.97
C GLY B 60 -5.71 -19.71 28.54
N ARG B 61 -6.70 -20.38 27.98
CA ARG B 61 -6.58 -21.80 27.66
C ARG B 61 -5.72 -22.09 26.43
N GLY B 62 -5.58 -21.08 25.55
CA GLY B 62 -4.93 -21.27 24.26
C GLY B 62 -6.00 -21.55 23.23
N MET B 63 -5.97 -20.81 22.13
CA MET B 63 -6.86 -21.11 21.01
C MET B 63 -6.77 -22.61 20.68
N PRO B 64 -7.91 -23.23 20.29
CA PRO B 64 -7.88 -24.69 20.12
C PRO B 64 -7.04 -25.11 18.92
N VAL B 65 -6.34 -26.25 19.08
CA VAL B 65 -5.43 -26.77 18.06
C VAL B 65 -5.81 -28.19 17.61
N ASP B 66 -6.98 -28.64 18.04
CA ASP B 66 -7.49 -29.95 17.61
C ASP B 66 -7.88 -29.96 16.13
N ILE B 67 -7.62 -31.07 15.44
CA ILE B 67 -7.96 -31.23 14.03
C ILE B 67 -9.47 -31.40 13.85
N HIS B 68 -10.07 -30.56 13.01
CA HIS B 68 -11.46 -30.79 12.63
C HIS B 68 -11.45 -31.81 11.48
N PRO B 69 -12.05 -33.00 11.71
CA PRO B 69 -11.99 -34.13 10.75
C PRO B 69 -12.53 -33.91 9.33
N GLU B 70 -13.53 -33.06 9.19
CA GLU B 70 -14.12 -32.83 7.87
C GLU B 70 -13.18 -31.98 7.00
N GLU B 71 -12.50 -31.06 7.66
CA GLU B 71 -11.70 -30.02 6.99
C GLU B 71 -10.30 -30.51 6.79
N GLY B 72 -9.80 -31.25 7.78
CA GLY B 72 -8.46 -31.74 7.79
C GLY B 72 -7.43 -30.89 8.50
N VAL B 73 -7.77 -29.62 8.79
CA VAL B 73 -6.84 -28.67 9.44
C VAL B 73 -7.12 -28.33 10.93
N PRO B 74 -6.13 -27.70 11.61
CA PRO B 74 -6.23 -27.14 12.97
C PRO B 74 -7.43 -26.22 13.14
N ALA B 75 -8.05 -26.23 14.33
CA ALA B 75 -9.12 -25.27 14.69
C ALA B 75 -8.67 -23.81 14.59
N VAL B 76 -7.46 -23.54 15.07
CA VAL B 76 -6.88 -22.18 15.09
C VAL B 76 -6.83 -21.64 13.66
N GLU B 77 -6.61 -22.53 12.70
CA GLU B 77 -6.53 -22.16 11.29
C GLU B 77 -7.91 -21.83 10.71
N LEU B 78 -8.91 -22.66 10.99
CA LEU B 78 -10.29 -22.31 10.62
C LEU B 78 -10.73 -21.00 11.25
N ILE B 79 -10.43 -20.82 12.54
CA ILE B 79 -10.72 -19.57 13.23
C ILE B 79 -10.15 -18.35 12.47
N LEU B 80 -8.93 -18.50 11.92
CA LEU B 80 -8.19 -17.40 11.31
C LEU B 80 -8.57 -17.11 9.84
N CYS B 81 -9.16 -18.10 9.18
CA CYS B 81 -9.48 -18.00 7.78
C CYS B 81 -10.95 -17.76 7.49
N ARG B 82 -11.81 -18.12 8.44
CA ARG B 82 -13.24 -18.05 8.20
C ARG B 82 -13.90 -16.74 8.64
N LEU B 83 -14.34 -15.98 7.65
CA LEU B 83 -15.17 -14.78 7.82
C LEU B 83 -16.53 -15.13 8.38
N HIS B 84 -16.89 -14.54 9.53
CA HIS B 84 -18.22 -14.70 10.14
C HIS B 84 -19.17 -13.66 9.66
N ALA B 85 -20.30 -14.08 9.08
CA ALA B 85 -21.34 -13.14 8.68
C ALA B 85 -22.14 -12.69 9.89
N GLY B 86 -22.12 -11.39 10.12
CA GLY B 86 -22.53 -10.79 11.38
C GLY B 86 -21.40 -9.85 11.69
N GLY B 87 -21.66 -8.88 12.56
CA GLY B 87 -20.57 -8.03 13.04
C GLY B 87 -20.47 -6.67 12.40
N LYS B 88 -20.99 -6.54 11.18
CA LYS B 88 -21.29 -5.23 10.57
C LYS B 88 -22.54 -5.27 9.70
N PHE B 89 -23.40 -4.26 9.85
CA PHE B 89 -24.55 -4.05 8.96
C PHE B 89 -24.54 -2.59 8.55
N SER B 90 -24.93 -2.32 7.32
CA SER B 90 -24.97 -0.95 6.86
C SER B 90 -26.05 -0.64 5.82
N ASN B 91 -26.97 0.25 6.17
CA ASN B 91 -27.71 0.97 5.15
C ASN B 91 -27.44 2.47 5.18
N LYS B 92 -28.28 3.20 4.45
CA LYS B 92 -28.14 4.64 4.28
C LYS B 92 -28.42 5.44 5.56
N ASN B 93 -29.10 4.83 6.52
CA ASN B 93 -29.55 5.52 7.73
C ASN B 93 -28.80 5.04 8.96
N TYR B 94 -28.40 3.77 8.93
CA TYR B 94 -27.98 3.05 10.10
C TYR B 94 -26.75 2.20 9.83
N GLN B 95 -25.84 2.15 10.82
CA GLN B 95 -24.67 1.29 10.86
C GLN B 95 -24.58 0.62 12.22
N PHE B 96 -24.15 -0.65 12.21
CA PHE B 96 -23.91 -1.44 13.41
C PHE B 96 -22.56 -2.18 13.33
N SER B 97 -21.87 -2.28 14.47
CA SER B 97 -20.79 -3.27 14.76
C SER B 97 -20.56 -3.33 16.28
N GLY B 98 -19.93 -4.32 16.90
CA GLY B 98 -19.50 -5.58 16.36
C GLY B 98 -20.43 -6.60 16.99
N GLY B 99 -20.57 -6.54 18.31
CA GLY B 99 -21.48 -7.40 19.07
C GLY B 99 -20.80 -8.52 19.86
N LEU B 100 -21.44 -9.68 19.90
CA LEU B 100 -20.94 -10.84 20.64
C LEU B 100 -19.97 -11.69 19.82
N VAL B 103 -16.94 -8.94 12.48
CA VAL B 103 -16.41 -9.60 13.66
C VAL B 103 -15.39 -10.65 13.26
N GLY B 104 -14.42 -10.86 14.14
CA GLY B 104 -13.55 -12.00 14.01
C GLY B 104 -12.14 -11.60 13.72
N ILE B 105 -11.25 -12.43 14.22
CA ILE B 105 -9.84 -12.33 13.93
C ILE B 105 -9.53 -12.56 12.43
N SER B 106 -10.47 -13.13 11.66
CA SER B 106 -10.20 -13.44 10.26
C SER B 106 -10.03 -12.17 9.39
N VAL B 107 -10.77 -11.12 9.74
CA VAL B 107 -10.59 -9.76 9.18
C VAL B 107 -9.23 -9.18 9.55
N VAL B 108 -8.81 -9.38 10.79
CA VAL B 108 -7.45 -9.01 11.20
C VAL B 108 -6.43 -9.65 10.26
N ASN B 109 -6.56 -10.96 10.03
CA ASN B 109 -5.72 -11.72 9.10
C ASN B 109 -5.82 -11.22 7.66
N ALA B 110 -7.04 -11.02 7.16
CA ALA B 110 -7.23 -10.46 5.78
C ALA B 110 -6.43 -9.16 5.52
N LEU B 111 -6.34 -8.31 6.51
CA LEU B 111 -5.88 -6.94 6.34
C LEU B 111 -4.46 -6.72 6.87
N SER B 112 -3.78 -7.81 7.15
CA SER B 112 -2.48 -7.81 7.78
C SER B 112 -1.45 -8.44 6.87
N LYS B 113 -0.37 -7.70 6.60
CA LYS B 113 0.67 -8.27 5.74
C LYS B 113 1.35 -9.49 6.42
N ARG B 114 1.30 -9.55 7.76
CA ARG B 114 1.70 -10.74 8.47
C ARG B 114 0.92 -10.92 9.76
N VAL B 115 0.59 -12.18 10.10
CA VAL B 115 0.09 -12.54 11.44
C VAL B 115 0.85 -13.76 11.95
N GLU B 116 1.24 -13.73 13.23
CA GLU B 116 1.82 -14.90 13.87
C GLU B 116 1.03 -15.26 15.12
N VAL B 117 0.59 -16.52 15.18
CA VAL B 117 -0.15 -16.99 16.35
C VAL B 117 0.65 -18.08 17.03
N ASN B 118 0.94 -17.85 18.29
CA ASN B 118 1.60 -18.81 19.15
C ASN B 118 0.60 -19.20 20.24
N VAL B 119 0.48 -20.51 20.48
CA VAL B 119 -0.43 -21.08 21.48
C VAL B 119 0.40 -21.99 22.39
N ARG B 120 0.21 -21.83 23.71
CA ARG B 120 0.78 -22.75 24.69
C ARG B 120 -0.35 -23.60 25.27
N ARG B 121 -0.29 -24.89 24.95
CA ARG B 121 -1.26 -25.89 25.39
C ARG B 121 -0.48 -27.16 25.69
N ASP B 122 -0.72 -27.74 26.87
CA ASP B 122 -0.19 -29.05 27.23
C ASP B 122 1.32 -29.21 27.16
N GLY B 123 2.09 -28.19 27.58
CA GLY B 123 3.56 -28.25 27.49
C GLY B 123 4.17 -27.90 26.12
N GLN B 124 3.31 -27.85 25.09
CA GLN B 124 3.73 -27.55 23.70
C GLN B 124 3.54 -26.08 23.30
N VAL B 125 4.50 -25.54 22.56
CA VAL B 125 4.37 -24.19 21.96
C VAL B 125 4.10 -24.35 20.47
N TYR B 126 2.88 -23.99 20.05
CA TYR B 126 2.42 -24.15 18.67
C TYR B 126 2.47 -22.84 17.93
N ASN B 127 3.00 -22.87 16.71
CA ASN B 127 3.09 -21.66 15.92
C ASN B 127 2.42 -21.79 14.54
N ILE B 128 1.71 -20.75 14.12
CA ILE B 128 1.12 -20.72 12.80
C ILE B 128 1.24 -19.27 12.34
N ALA B 129 1.51 -19.06 11.04
CA ALA B 129 1.76 -17.73 10.49
C ALA B 129 1.04 -17.62 9.17
N PHE B 130 0.56 -16.42 8.87
CA PHE B 130 -0.16 -16.07 7.67
C PHE B 130 0.47 -14.78 7.19
N GLU B 131 0.32 -14.54 5.90
CA GLU B 131 0.80 -13.34 5.27
C GLU B 131 -0.17 -12.93 4.16
N ASN B 132 -0.64 -11.69 4.23
CA ASN B 132 -1.63 -11.16 3.29
C ASN B 132 -2.92 -12.01 3.24
N GLY B 133 -3.33 -12.55 4.38
CA GLY B 133 -4.50 -13.40 4.43
C GLY B 133 -4.29 -14.84 4.04
N GLU B 134 -3.11 -15.19 3.55
CA GLU B 134 -2.80 -16.57 3.12
C GLU B 134 -1.83 -17.25 4.08
N LYS B 135 -2.05 -18.52 4.40
CA LYS B 135 -1.15 -19.24 5.33
C LYS B 135 0.22 -19.51 4.70
N VAL B 136 1.28 -19.21 5.44
CA VAL B 136 2.65 -19.43 4.95
C VAL B 136 3.39 -20.48 5.77
N GLN B 137 2.92 -20.70 6.99
CA GLN B 137 3.56 -21.65 7.87
C GLN B 137 2.49 -22.51 8.55
N ASP B 138 2.57 -23.82 8.31
CA ASP B 138 1.67 -24.79 8.97
C ASP B 138 1.83 -24.73 10.49
N LEU B 139 0.76 -25.10 11.21
CA LEU B 139 0.79 -25.20 12.66
C LEU B 139 1.86 -26.22 13.05
N GLN B 140 2.92 -25.76 13.69
CA GLN B 140 3.97 -26.68 14.12
C GLN B 140 4.38 -26.41 15.58
N VAL B 141 5.01 -27.40 16.23
CA VAL B 141 5.59 -27.19 17.54
C VAL B 141 6.96 -26.52 17.46
N VAL B 142 7.07 -25.30 17.97
CA VAL B 142 8.32 -24.53 17.96
C VAL B 142 9.05 -24.55 19.29
N GLY B 143 8.48 -25.21 20.29
CA GLY B 143 9.10 -25.20 21.59
C GLY B 143 8.31 -25.88 22.66
N THR B 144 8.80 -25.71 23.89
CA THR B 144 8.24 -26.42 25.02
C THR B 144 8.11 -25.49 26.19
N CYS B 145 7.13 -25.76 27.05
CA CYS B 145 6.76 -24.88 28.16
C CYS B 145 6.21 -25.70 29.30
N GLY B 146 6.06 -25.10 30.49
CA GLY B 146 5.36 -25.77 31.59
C GLY B 146 3.92 -26.10 31.21
N LYS B 147 3.40 -27.17 31.80
CA LYS B 147 2.07 -27.72 31.47
C LYS B 147 0.90 -26.76 31.72
N ARG B 148 1.03 -25.93 32.76
CA ARG B 148 0.00 -24.95 33.10
C ARG B 148 0.28 -23.57 32.53
N ASN B 149 1.45 -23.40 31.91
CA ASN B 149 1.78 -22.17 31.19
C ASN B 149 1.01 -22.18 29.85
N THR B 150 -0.28 -21.91 29.91
CA THR B 150 -1.12 -22.00 28.72
C THR B 150 -1.43 -20.58 28.19
N GLY B 151 -1.95 -20.48 26.97
CA GLY B 151 -2.45 -19.19 26.50
C GLY B 151 -2.23 -18.94 25.02
N THR B 152 -2.50 -17.70 24.60
CA THR B 152 -2.39 -17.36 23.18
C THR B 152 -1.68 -16.02 23.00
N SER B 153 -0.85 -15.97 21.97
CA SER B 153 -0.25 -14.73 21.50
C SER B 153 -0.65 -14.52 20.04
N VAL B 154 -1.16 -13.33 19.74
CA VAL B 154 -1.49 -12.94 18.36
C VAL B 154 -0.68 -11.69 18.06
N HIS B 155 0.21 -11.79 17.06
CA HIS B 155 1.03 -10.67 16.64
C HIS B 155 0.75 -10.37 15.18
N PHE B 156 0.34 -9.15 14.90
CA PHE B 156 -0.09 -8.82 13.55
C PHE B 156 0.49 -7.49 13.09
N TRP B 157 0.77 -7.45 11.79
CA TRP B 157 1.31 -6.29 11.13
C TRP B 157 0.28 -5.78 10.16
N PRO B 158 -0.45 -4.72 10.49
CA PRO B 158 -1.46 -4.25 9.53
C PRO B 158 -0.84 -3.84 8.16
N ASP B 159 -1.52 -4.18 7.05
CA ASP B 159 -1.09 -3.70 5.73
C ASP B 159 -1.64 -2.29 5.63
N GLU B 160 -0.72 -1.34 5.44
CA GLU B 160 -0.99 0.08 5.46
C GLU B 160 -1.83 0.56 4.30
N THR B 161 -1.90 -0.20 3.20
CA THR B 161 -2.66 0.23 2.03
C THR B 161 -4.16 0.15 2.29
N PHE B 162 -4.59 -0.61 3.30
CA PHE B 162 -6.01 -0.64 3.69
C PHE B 162 -6.42 0.45 4.68
N PHE B 163 -5.47 1.29 5.10
CA PHE B 163 -5.72 2.30 6.16
C PHE B 163 -5.34 3.73 5.75
N ASP B 164 -6.07 4.73 6.24
CA ASP B 164 -5.73 6.13 5.96
C ASP B 164 -4.39 6.44 6.58
N SER B 165 -4.21 5.92 7.80
CA SER B 165 -2.94 5.91 8.53
C SER B 165 -2.69 4.53 9.15
N PRO B 166 -1.44 4.02 9.04
CA PRO B 166 -1.16 2.75 9.70
C PRO B 166 -0.78 2.95 11.19
N ARG B 167 -0.76 4.19 11.68
CA ARG B 167 -0.43 4.48 13.08
C ARG B 167 -1.58 4.15 14.05
N PHE B 168 -1.27 3.37 15.09
CA PHE B 168 -2.22 3.12 16.17
C PHE B 168 -2.48 4.40 17.00
N SER B 169 -3.73 4.65 17.36
CA SER B 169 -4.02 5.73 18.30
C SER B 169 -3.85 5.19 19.72
N VAL B 170 -2.96 5.82 20.49
CA VAL B 170 -2.60 5.35 21.81
C VAL B 170 -3.69 5.67 22.84
N SER B 171 -4.14 6.93 22.88
CA SER B 171 -5.26 7.32 23.74
C SER B 171 -6.48 6.38 23.58
N ARG B 172 -6.92 6.16 22.34
CA ARG B 172 -8.05 5.25 22.05
C ARG B 172 -7.74 3.81 22.46
N LEU B 173 -6.50 3.37 22.23
CA LEU B 173 -6.11 2.03 22.65
C LEU B 173 -6.14 1.86 24.18
N THR B 174 -5.51 2.77 24.92
CA THR B 174 -5.45 2.72 26.39
C THR B 174 -6.80 2.93 27.09
N HIS B 175 -7.69 3.75 26.55
CA HIS B 175 -9.06 3.73 27.02
C HIS B 175 -9.79 2.39 26.84
N VAL B 176 -9.58 1.70 25.72
CA VAL B 176 -10.19 0.36 25.55
C VAL B 176 -9.68 -0.62 26.59
N LEU B 177 -8.39 -0.55 26.91
CA LEU B 177 -7.82 -1.48 27.88
C LEU B 177 -8.31 -1.18 29.29
N LYS B 178 -8.37 0.11 29.66
CA LYS B 178 -8.90 0.49 30.96
C LYS B 178 -10.33 0.00 31.07
N ALA B 179 -11.13 0.21 30.02
CA ALA B 179 -12.52 -0.29 30.01
C ALA B 179 -12.62 -1.80 30.27
N LYS B 180 -11.85 -2.60 29.53
CA LYS B 180 -11.84 -4.07 29.70
C LYS B 180 -11.51 -4.54 31.14
N ALA B 181 -10.50 -3.94 31.77
CA ALA B 181 -10.15 -4.14 33.19
C ALA B 181 -11.29 -3.83 34.20
N VAL B 182 -12.01 -2.72 33.99
CA VAL B 182 -13.20 -2.39 34.77
C VAL B 182 -14.30 -3.47 34.54
N LEU B 183 -14.48 -3.86 33.27
CA LEU B 183 -15.45 -4.90 32.86
C LEU B 183 -15.22 -6.28 33.43
N CYS B 184 -13.97 -6.57 33.76
CA CYS B 184 -13.62 -7.88 34.26
C CYS B 184 -12.77 -7.70 35.50
N PRO B 185 -13.41 -7.32 36.64
CA PRO B 185 -12.70 -7.09 37.92
C PRO B 185 -11.79 -8.27 38.25
N GLY B 186 -10.53 -8.00 38.57
CA GLY B 186 -9.57 -9.08 38.80
C GLY B 186 -8.55 -9.29 37.68
N VAL B 187 -8.96 -9.18 36.41
CA VAL B 187 -7.99 -9.35 35.33
C VAL B 187 -6.92 -8.24 35.41
N GLU B 188 -5.65 -8.61 35.29
CA GLU B 188 -4.62 -7.61 35.04
C GLU B 188 -4.44 -7.33 33.51
N ILE B 189 -4.32 -6.04 33.15
CA ILE B 189 -4.19 -5.63 31.76
C ILE B 189 -3.01 -4.69 31.68
N THR B 190 -2.06 -4.98 30.78
CA THR B 190 -0.93 -4.10 30.60
C THR B 190 -0.82 -3.57 29.18
N PHE B 191 -0.22 -2.39 29.05
CA PHE B 191 0.08 -1.81 27.76
C PHE B 191 1.56 -1.40 27.72
N LYS B 192 2.37 -2.10 26.92
CA LYS B 192 3.77 -1.71 26.72
C LYS B 192 3.79 -1.04 25.34
N ASP B 193 4.25 0.20 25.30
CA ASP B 193 4.34 0.99 24.09
C ASP B 193 5.83 1.15 23.85
N GLU B 194 6.33 0.47 22.81
CA GLU B 194 7.75 0.55 22.41
C GLU B 194 8.05 1.80 21.59
N ILE B 195 7.02 2.55 21.26
CA ILE B 195 7.23 3.79 20.50
C ILE B 195 7.39 4.98 21.43
N ASN B 196 6.41 5.17 22.30
CA ASN B 196 6.44 6.29 23.22
C ASN B 196 7.13 5.92 24.51
N ASN B 197 7.53 4.65 24.59
CA ASN B 197 8.42 4.20 25.64
C ASN B 197 7.80 4.27 27.04
N THR B 198 6.67 3.56 27.21
CA THR B 198 5.87 3.59 28.44
C THR B 198 5.30 2.22 28.77
N GLU B 199 5.01 1.99 30.06
CA GLU B 199 4.27 0.81 30.49
C GLU B 199 3.12 1.24 31.39
N GLN B 200 1.97 0.62 31.21
CA GLN B 200 0.85 0.90 32.06
C GLN B 200 0.26 -0.41 32.52
N ARG B 201 -0.39 -0.39 33.68
CA ARG B 201 -1.10 -1.56 34.19
C ARG B 201 -2.44 -1.14 34.81
N TRP B 202 -3.51 -1.86 34.47
CA TRP B 202 -4.79 -1.66 35.13
C TRP B 202 -5.29 -2.93 35.76
N CYS B 203 -5.77 -2.82 37.00
CA CYS B 203 -6.43 -3.91 37.71
C CYS B 203 -7.45 -3.35 38.68
N TYR B 204 -8.74 -3.66 38.47
CA TYR B 204 -9.80 -3.16 39.34
C TYR B 204 -10.36 -4.26 40.21
N GLN B 205 -9.59 -4.58 41.26
CA GLN B 205 -9.95 -5.48 42.37
C GLN B 205 -11.46 -5.73 42.52
N7 1AV C . 5.57 8.65 -11.04
C6 1AV C . 6.27 9.30 -10.09
N1 1AV C . 5.90 9.18 -8.79
N5 1AV C . 7.31 10.07 -10.51
C4 1AV C . 8.08 10.79 -9.66
N8 1AV C . 9.11 11.55 -10.10
C12 1AV C . 10.05 12.07 -9.30
C11 1AV C . 10.90 12.72 -10.16
N10 1AV C . 10.44 12.55 -11.43
C9 1AV C . 9.31 11.79 -11.39
C3 1AV C . 7.76 10.69 -8.22
N13 1AV C . 8.30 11.26 -7.11
C14 1AV C . 7.70 10.91 -5.94
S15 1AV C . 6.34 9.83 -6.17
C2 1AV C . 6.61 9.83 -7.84
C16 1AV C . 8.08 11.40 -4.60
C21 1AV C . 7.31 11.18 -3.46
N20 1AV C . 7.73 11.66 -2.26
C19 1AV C . 8.87 12.36 -2.14
C18 1AV C . 9.68 12.61 -3.26
C17 1AV C . 9.28 12.11 -4.51
MG MG D . 14.02 -7.47 -22.74
N7 1AV E . -7.43 -15.25 22.82
C6 1AV E . -8.24 -16.32 22.60
N1 1AV E . -8.19 -17.38 23.45
N5 1AV E . -9.05 -16.27 21.51
C4 1AV E . -9.92 -17.28 21.18
N8 1AV E . -10.73 -17.27 20.12
C12 1AV E . -11.67 -18.21 19.94
C11 1AV E . -12.27 -17.87 18.73
N10 1AV E . -11.65 -16.76 18.25
C9 1AV E . -10.67 -16.38 19.13
C3 1AV E . -9.92 -18.46 22.06
N13 1AV E . -10.62 -19.62 22.03
C14 1AV E . -10.36 -20.49 23.03
S15 1AV E . -9.14 -19.87 24.12
C2 1AV E . -9.00 -18.45 23.22
C16 1AV E . -10.94 -21.86 23.25
C21 1AV E . -10.36 -22.80 24.09
N20 1AV E . -10.89 -24.04 24.23
C19 1AV E . -11.97 -24.41 23.53
C18 1AV E . -12.57 -23.53 22.63
C17 1AV E . -12.05 -22.24 22.49
MG MG F . -14.87 4.12 28.86
#